data_1RE8
#
_entry.id   1RE8
#
_cell.length_a   51.8
_cell.length_b   71.6
_cell.length_c   97.7
_cell.angle_alpha   90
_cell.angle_beta   90
_cell.angle_gamma   90
#
_symmetry.space_group_name_H-M   'P 21 21 21'
#
loop_
_entity.id
_entity.type
_entity.pdbx_description
1 polymer 'cAMP-dependent protein kinase, alpha-catalytic subunit'
2 non-polymer '3-[(4-HYDROXYBENZOYL)AMINO]AZEPAN-4-YL 4-(2-HYDROXYBENZOYL)BENZOATE'
3 non-polymer N-OCTANE
4 water water
#
_entity_poly.entity_id   1
_entity_poly.type   'polypeptide(L)'
_entity_poly.pdbx_seq_one_letter_code
;GNAAAAKKGSEQESVKEFLAKAKEDFLKKWETPSQNTAQLDQFDRIKTLGTGSFGRVMLVKHKESGNHYAMKILDKQKVV
KLKQIEHTLNEKRILQAVNFPFLVKLEFSFKDNSNLYMVMEYVAGGEMFSHLRRIGRFSEPHARFYAAQIVLTFEYLHSL
DLIYRDLKPENLLIDQQGYIQVTDFGFAKRVKGRTW(TPO)LCGTPEYLAPEIILSKGYNKAVDWWALGVLIYEMAAGYP
PFFADQPIQIYEKIVSGKVRFPSHFSSDLKDLLRNLLQVDLTKRFGNLKNGVNDIKNHKWFATTDWIAIYQRKVEAPFIP
KFKGPGDTSNFDDYEEEEIRV(SEP)INEKCGKEFTEF
;
_entity_poly.pdbx_strand_id   A
#
loop_
_chem_comp.id
_chem_comp.type
_chem_comp.name
_chem_comp.formula
BD2 non-polymer '3-[(4-HYDROXYBENZOYL)AMINO]AZEPAN-4-YL 4-(2-HYDROXYBENZOYL)BENZOATE' 'C27 H26 N2 O6'
OCT non-polymer N-OCTANE 'C8 H18'
#
# COMPACT_ATOMS: atom_id res chain seq x y z
N GLN A 12 17.46 -18.16 -12.03
CA GLN A 12 16.04 -18.10 -12.29
C GLN A 12 15.77 -16.99 -13.30
N GLU A 13 15.90 -17.38 -14.58
CA GLU A 13 15.88 -16.51 -15.75
C GLU A 13 14.63 -15.75 -16.15
N SER A 14 13.45 -16.38 -16.03
CA SER A 14 12.19 -15.74 -16.40
C SER A 14 11.84 -14.56 -15.51
N VAL A 15 12.22 -14.68 -14.22
CA VAL A 15 12.02 -13.64 -13.23
C VAL A 15 13.14 -12.62 -13.35
N LYS A 16 14.40 -13.02 -13.60
CA LYS A 16 15.51 -12.08 -13.73
C LYS A 16 15.36 -11.11 -14.90
N GLU A 17 15.07 -11.60 -16.11
CA GLU A 17 14.85 -10.72 -17.25
C GLU A 17 13.60 -9.87 -17.06
N PHE A 18 12.58 -10.39 -16.35
CA PHE A 18 11.35 -9.65 -16.05
C PHE A 18 11.70 -8.46 -15.16
N LEU A 19 12.41 -8.70 -14.06
CA LEU A 19 12.78 -7.65 -13.13
C LEU A 19 13.78 -6.66 -13.72
N ALA A 20 14.59 -7.12 -14.69
CA ALA A 20 15.50 -6.25 -15.41
C ALA A 20 14.71 -5.29 -16.29
N LYS A 21 13.73 -5.75 -17.10
CA LYS A 21 12.92 -4.80 -17.87
C LYS A 21 12.12 -3.88 -16.93
N ALA A 22 11.77 -4.35 -15.72
CA ALA A 22 11.03 -3.55 -14.76
C ALA A 22 11.82 -2.40 -14.13
N LYS A 23 13.12 -2.57 -13.84
CA LYS A 23 13.88 -1.46 -13.26
C LYS A 23 14.18 -0.43 -14.34
N GLU A 24 14.46 -0.85 -15.58
CA GLU A 24 14.74 0.10 -16.64
C GLU A 24 13.50 0.91 -17.00
N ASP A 25 12.31 0.28 -17.03
CA ASP A 25 11.06 1.00 -17.29
C ASP A 25 10.76 2.00 -16.17
N PHE A 26 10.97 1.57 -14.92
CA PHE A 26 10.81 2.43 -13.75
C PHE A 26 11.76 3.62 -13.77
N LEU A 27 13.09 3.41 -13.91
CA LEU A 27 14.05 4.50 -13.88
C LEU A 27 13.87 5.53 -14.97
N LYS A 28 13.34 5.12 -16.14
CA LYS A 28 13.03 6.07 -17.22
C LYS A 28 12.03 7.12 -16.75
N LYS A 29 11.03 6.66 -15.97
CA LYS A 29 10.03 7.50 -15.35
C LYS A 29 10.53 8.21 -14.09
N TRP A 30 11.35 7.52 -13.28
CA TRP A 30 11.90 8.07 -12.04
C TRP A 30 12.81 9.26 -12.28
N GLU A 31 13.70 9.15 -13.28
CA GLU A 31 14.67 10.20 -13.58
C GLU A 31 14.09 11.39 -14.33
N THR A 32 12.97 11.23 -15.03
CA THR A 32 12.33 12.37 -15.67
C THR A 32 10.81 12.29 -15.44
N PRO A 33 10.34 12.76 -14.27
CA PRO A 33 8.94 12.72 -13.87
C PRO A 33 8.02 13.61 -14.69
N SER A 34 6.76 13.14 -14.73
CA SER A 34 5.69 13.89 -15.34
C SER A 34 5.13 14.84 -14.30
N GLN A 35 4.94 16.08 -14.75
CA GLN A 35 4.37 17.13 -13.95
C GLN A 35 3.23 17.78 -14.73
N ASN A 36 2.26 18.33 -14.00
CA ASN A 36 1.18 19.14 -14.55
C ASN A 36 0.46 18.60 -15.79
N THR A 37 -0.16 17.42 -15.64
CA THR A 37 -0.86 16.73 -16.71
C THR A 37 -2.38 16.92 -16.76
N ALA A 38 -2.95 17.68 -15.82
CA ALA A 38 -4.38 18.00 -15.77
C ALA A 38 -4.62 19.21 -14.88
N GLN A 39 -5.89 19.64 -14.82
CA GLN A 39 -6.35 20.76 -14.01
C GLN A 39 -7.57 20.32 -13.22
N LEU A 40 -7.83 21.02 -12.10
CA LEU A 40 -8.97 20.71 -11.24
C LEU A 40 -10.33 20.97 -11.90
N ASP A 41 -10.47 22.03 -12.73
CA ASP A 41 -11.75 22.31 -13.37
C ASP A 41 -12.12 21.44 -14.57
N GLN A 42 -11.34 20.38 -14.80
CA GLN A 42 -11.66 19.38 -15.83
C GLN A 42 -12.36 18.18 -15.19
N PHE A 43 -12.63 18.30 -13.87
CA PHE A 43 -13.26 17.26 -13.09
C PHE A 43 -14.44 17.80 -12.30
N ASP A 44 -15.47 16.96 -12.16
CA ASP A 44 -16.63 17.21 -11.31
C ASP A 44 -16.49 16.39 -10.05
N ARG A 45 -16.68 17.03 -8.90
CA ARG A 45 -16.61 16.41 -7.58
C ARG A 45 -17.86 15.58 -7.26
N ILE A 46 -17.71 14.34 -6.78
CA ILE A 46 -18.85 13.48 -6.47
C ILE A 46 -18.99 13.20 -4.98
N LYS A 47 -17.98 12.57 -4.37
CA LYS A 47 -18.05 12.12 -2.99
C LYS A 47 -16.67 11.88 -2.36
N THR A 48 -16.51 12.11 -1.05
CA THR A 48 -15.26 11.80 -0.34
C THR A 48 -15.21 10.30 -0.07
N LEU A 49 -14.08 9.66 -0.40
CA LEU A 49 -13.90 8.23 -0.21
C LEU A 49 -12.99 7.87 0.96
N GLY A 50 -12.28 8.87 1.48
CA GLY A 50 -11.32 8.66 2.57
C GLY A 50 -10.62 9.95 2.97
N THR A 51 -10.06 9.96 4.17
CA THR A 51 -9.31 11.11 4.67
C THR A 51 -7.96 10.69 5.24
N GLY A 52 -7.06 11.66 5.34
CA GLY A 52 -5.75 11.46 5.94
C GLY A 52 -5.31 12.73 6.65
N SER A 53 -4.07 12.72 7.18
CA SER A 53 -3.52 13.85 7.94
C SER A 53 -3.60 15.20 7.27
N PHE A 54 -3.23 15.26 5.98
CA PHE A 54 -3.15 16.52 5.24
C PHE A 54 -4.14 16.65 4.09
N GLY A 55 -5.11 15.75 3.99
CA GLY A 55 -6.08 15.85 2.91
C GLY A 55 -7.12 14.74 2.89
N ARG A 56 -7.52 14.42 1.67
CA ARG A 56 -8.58 13.43 1.42
C ARG A 56 -8.56 12.88 0.00
N VAL A 57 -9.19 11.71 -0.21
CA VAL A 57 -9.35 11.15 -1.54
C VAL A 57 -10.81 11.36 -1.90
N MET A 58 -11.05 11.78 -3.13
CA MET A 58 -12.39 12.09 -3.57
C MET A 58 -12.71 11.48 -4.93
N LEU A 59 -13.94 10.96 -5.09
CA LEU A 59 -14.38 10.43 -6.37
C LEU A 59 -14.74 11.67 -7.18
N VAL A 60 -14.14 11.75 -8.36
CA VAL A 60 -14.39 12.84 -9.28
C VAL A 60 -14.73 12.24 -10.63
N LYS A 61 -15.31 13.05 -11.50
CA LYS A 61 -15.65 12.60 -12.84
C LYS A 61 -15.04 13.56 -13.84
N HIS A 62 -14.26 13.04 -14.79
CA HIS A 62 -13.63 13.85 -15.82
C HIS A 62 -14.73 14.31 -16.78
N LYS A 63 -14.88 15.63 -16.90
CA LYS A 63 -15.97 16.22 -17.68
C LYS A 63 -16.07 15.89 -19.16
N GLU A 64 -14.93 15.78 -19.87
CA GLU A 64 -14.96 15.49 -21.30
C GLU A 64 -15.08 14.02 -21.65
N SER A 65 -14.25 13.18 -21.02
CA SER A 65 -14.28 11.74 -21.27
C SER A 65 -15.37 11.01 -20.49
N GLY A 66 -15.84 11.59 -19.38
CA GLY A 66 -16.87 10.97 -18.56
C GLY A 66 -16.32 9.91 -17.62
N ASN A 67 -15.00 9.68 -17.59
CA ASN A 67 -14.40 8.68 -16.72
C ASN A 67 -14.40 9.05 -15.25
N HIS A 68 -14.51 8.04 -14.40
CA HIS A 68 -14.42 8.23 -12.95
C HIS A 68 -12.98 8.09 -12.48
N TYR A 69 -12.58 8.96 -11.55
CA TYR A 69 -11.25 8.92 -10.96
C TYR A 69 -11.31 9.22 -9.48
N ALA A 70 -10.29 8.72 -8.80
CA ALA A 70 -10.08 8.99 -7.40
C ALA A 70 -9.05 10.10 -7.33
N MET A 71 -9.41 11.28 -6.80
CA MET A 71 -8.49 12.40 -6.68
C MET A 71 -8.06 12.60 -5.24
N LYS A 72 -6.76 12.46 -4.97
CA LYS A 72 -6.18 12.70 -3.66
C LYS A 72 -5.79 14.17 -3.60
N ILE A 73 -6.33 14.90 -2.63
CA ILE A 73 -6.08 16.33 -2.48
C ILE A 73 -5.32 16.57 -1.17
N LEU A 74 -4.11 17.13 -1.23
CA LEU A 74 -3.30 17.39 -0.05
C LEU A 74 -3.05 18.88 0.15
N ASP A 75 -3.27 19.44 1.35
CA ASP A 75 -3.07 20.86 1.63
C ASP A 75 -1.59 21.16 1.85
N LYS A 76 -1.02 21.97 0.96
CA LYS A 76 0.40 22.32 1.02
C LYS A 76 0.91 22.92 2.32
N GLN A 77 0.14 23.79 2.96
CA GLN A 77 0.54 24.40 4.22
C GLN A 77 0.47 23.45 5.41
N LYS A 78 -0.44 22.47 5.39
CA LYS A 78 -0.54 21.52 6.50
C LYS A 78 0.62 20.54 6.46
N VAL A 79 1.18 20.33 5.25
CA VAL A 79 2.32 19.45 5.03
C VAL A 79 3.59 20.10 5.57
N VAL A 80 3.79 21.36 5.20
CA VAL A 80 4.92 22.16 5.64
C VAL A 80 4.95 22.28 7.17
N LYS A 81 3.77 22.52 7.75
CA LYS A 81 3.62 22.74 9.18
C LYS A 81 4.12 21.54 9.96
N LEU A 82 3.67 20.36 9.56
CA LEU A 82 4.12 19.14 10.19
C LEU A 82 5.11 18.48 9.23
N LYS A 83 6.26 19.10 9.01
CA LYS A 83 7.28 18.66 8.05
C LYS A 83 7.23 17.19 7.56
N GLN A 84 6.63 17.02 6.39
CA GLN A 84 6.49 15.73 5.71
C GLN A 84 6.47 16.02 4.20
N ILE A 85 7.11 17.14 3.78
CA ILE A 85 7.20 17.56 2.39
C ILE A 85 7.83 16.45 1.55
N GLU A 86 8.92 15.87 2.08
CA GLU A 86 9.64 14.81 1.41
C GLU A 86 8.75 13.60 1.17
N HIS A 87 7.93 13.25 2.15
CA HIS A 87 6.99 12.14 2.02
C HIS A 87 5.97 12.31 0.92
N THR A 88 5.38 13.51 0.77
CA THR A 88 4.41 13.76 -0.30
C THR A 88 5.08 13.85 -1.67
N LEU A 89 6.36 14.26 -1.69
CA LEU A 89 7.15 14.27 -2.92
C LEU A 89 7.52 12.84 -3.28
N ASN A 90 7.86 11.99 -2.29
CA ASN A 90 8.17 10.58 -2.52
C ASN A 90 6.99 9.86 -3.12
N GLU A 91 5.82 10.09 -2.51
CA GLU A 91 4.58 9.48 -2.94
C GLU A 91 4.26 9.64 -4.42
N LYS A 92 4.26 10.89 -4.90
CA LYS A 92 3.96 11.21 -6.28
C LYS A 92 5.00 10.68 -7.27
N ARG A 93 6.29 10.85 -7.01
CA ARG A 93 7.34 10.43 -7.93
C ARG A 93 7.38 8.91 -8.11
N ILE A 94 7.18 8.17 -7.01
CA ILE A 94 7.13 6.71 -7.06
C ILE A 94 5.89 6.23 -7.80
N LEU A 95 4.70 6.73 -7.41
CA LEU A 95 3.44 6.37 -8.05
C LEU A 95 3.44 6.58 -9.55
N GLN A 96 4.01 7.73 -9.94
CA GLN A 96 4.18 8.10 -11.32
C GLN A 96 5.13 7.16 -12.08
N ALA A 97 6.12 6.61 -11.37
CA ALA A 97 7.12 5.77 -12.00
C ALA A 97 6.84 4.27 -12.03
N VAL A 98 6.00 3.72 -11.12
CA VAL A 98 5.75 2.28 -11.11
C VAL A 98 4.64 1.82 -12.05
N ASN A 99 4.61 0.50 -12.23
CA ASN A 99 3.67 -0.17 -13.09
C ASN A 99 3.72 -1.66 -12.80
N PHE A 100 2.64 -2.13 -12.18
CA PHE A 100 2.50 -3.53 -11.78
C PHE A 100 1.01 -3.80 -11.59
N PRO A 101 0.46 -4.98 -11.93
CA PRO A 101 -0.97 -5.27 -11.86
C PRO A 101 -1.68 -5.12 -10.53
N PHE A 102 -0.93 -5.10 -9.43
CA PHE A 102 -1.53 -5.02 -8.10
C PHE A 102 -1.27 -3.68 -7.43
N LEU A 103 -0.82 -2.70 -8.21
CA LEU A 103 -0.61 -1.35 -7.70
C LEU A 103 -1.61 -0.41 -8.33
N VAL A 104 -2.20 0.52 -7.55
CA VAL A 104 -3.14 1.50 -8.10
C VAL A 104 -2.39 2.46 -9.03
N LYS A 105 -2.97 2.67 -10.21
CA LYS A 105 -2.39 3.52 -11.24
C LYS A 105 -2.65 5.01 -11.10
N LEU A 106 -1.59 5.82 -11.11
CA LEU A 106 -1.68 7.27 -11.11
C LEU A 106 -1.86 7.75 -12.55
N GLU A 107 -3.07 8.25 -12.85
CA GLU A 107 -3.39 8.74 -14.16
C GLU A 107 -2.94 10.17 -14.42
N PHE A 108 -3.16 11.09 -13.47
CA PHE A 108 -2.77 12.49 -13.61
C PHE A 108 -2.24 13.06 -12.30
N SER A 109 -1.46 14.14 -12.42
CA SER A 109 -0.99 14.88 -11.27
C SER A 109 -0.78 16.34 -11.65
N PHE A 110 -1.03 17.18 -10.65
CA PHE A 110 -0.92 18.62 -10.77
C PHE A 110 -1.00 19.26 -9.39
N LYS A 111 -0.72 20.56 -9.32
CA LYS A 111 -0.82 21.30 -8.08
C LYS A 111 -1.38 22.69 -8.37
N ASP A 112 -1.94 23.38 -7.36
CA ASP A 112 -2.34 24.76 -7.57
C ASP A 112 -1.86 25.61 -6.40
N ASN A 113 -2.42 26.80 -6.16
CA ASN A 113 -1.94 27.67 -5.11
C ASN A 113 -1.98 27.10 -3.70
N SER A 114 -2.89 26.16 -3.42
CA SER A 114 -3.07 25.61 -2.09
C SER A 114 -2.76 24.14 -1.93
N ASN A 115 -3.01 23.37 -2.99
CA ASN A 115 -2.98 21.93 -2.84
C ASN A 115 -2.13 21.23 -3.86
N LEU A 116 -1.92 19.95 -3.51
CA LEU A 116 -1.25 18.98 -4.35
C LEU A 116 -2.35 17.99 -4.76
N TYR A 117 -2.32 17.55 -6.02
CA TYR A 117 -3.34 16.63 -6.52
C TYR A 117 -2.75 15.46 -7.27
N MET A 118 -3.23 14.28 -6.88
CA MET A 118 -2.88 13.00 -7.50
C MET A 118 -4.17 12.32 -7.90
N VAL A 119 -4.35 12.18 -9.21
CA VAL A 119 -5.58 11.58 -9.76
C VAL A 119 -5.29 10.14 -10.17
N MET A 120 -5.72 9.22 -9.30
CA MET A 120 -5.56 7.78 -9.47
C MET A 120 -6.78 7.11 -10.10
N GLU A 121 -6.64 5.80 -10.38
CA GLU A 121 -7.73 5.01 -10.91
C GLU A 121 -8.75 4.79 -9.80
N TYR A 122 -10.05 4.84 -10.16
CA TYR A 122 -11.13 4.55 -9.23
C TYR A 122 -11.43 3.06 -9.25
N VAL A 123 -11.17 2.52 -8.06
CA VAL A 123 -11.37 1.12 -7.73
C VAL A 123 -12.61 1.04 -6.85
N ALA A 124 -13.75 0.73 -7.49
CA ALA A 124 -15.05 0.70 -6.85
C ALA A 124 -15.31 -0.34 -5.76
N GLY A 125 -14.49 -1.38 -5.66
CA GLY A 125 -14.64 -2.44 -4.67
C GLY A 125 -14.32 -2.03 -3.25
N GLY A 126 -13.70 -0.88 -2.99
CA GLY A 126 -13.42 -0.41 -1.64
C GLY A 126 -12.22 -1.09 -0.98
N GLU A 127 -11.98 -0.67 0.25
CA GLU A 127 -10.87 -1.15 1.08
C GLU A 127 -11.07 -2.58 1.59
N MET A 128 -9.95 -3.31 1.68
CA MET A 128 -9.93 -4.66 2.19
C MET A 128 -10.43 -4.69 3.63
N PHE A 129 -10.14 -3.63 4.42
CA PHE A 129 -10.58 -3.46 5.81
C PHE A 129 -12.07 -3.69 6.00
N SER A 130 -12.88 -3.06 5.15
CA SER A 130 -14.34 -3.17 5.17
C SER A 130 -14.83 -4.61 5.02
N HIS A 131 -14.29 -5.31 4.02
CA HIS A 131 -14.66 -6.69 3.75
C HIS A 131 -14.12 -7.65 4.81
N LEU A 132 -12.90 -7.45 5.34
CA LEU A 132 -12.38 -8.32 6.40
C LEU A 132 -13.22 -8.19 7.67
N ARG A 133 -13.59 -6.96 8.02
CA ARG A 133 -14.42 -6.72 9.19
C ARG A 133 -15.82 -7.29 9.07
N ARG A 134 -16.41 -7.15 7.88
CA ARG A 134 -17.73 -7.69 7.60
C ARG A 134 -17.78 -9.21 7.68
N ILE A 135 -16.75 -9.88 7.15
CA ILE A 135 -16.68 -11.34 7.15
C ILE A 135 -16.16 -11.95 8.44
N GLY A 136 -15.50 -11.12 9.27
CA GLY A 136 -14.92 -11.58 10.53
C GLY A 136 -13.45 -11.92 10.31
N ARG A 137 -13.20 -12.95 9.49
CA ARG A 137 -11.86 -13.37 9.12
C ARG A 137 -11.90 -14.08 7.78
N PHE A 138 -10.78 -14.14 7.06
CA PHE A 138 -10.74 -14.86 5.79
C PHE A 138 -10.23 -16.27 6.00
N SER A 139 -10.65 -17.19 5.13
CA SER A 139 -10.13 -18.56 5.18
C SER A 139 -8.67 -18.51 4.74
N GLU A 140 -7.90 -19.56 5.04
CA GLU A 140 -6.52 -19.58 4.61
C GLU A 140 -6.38 -19.58 3.09
N PRO A 141 -7.18 -20.27 2.22
CA PRO A 141 -7.15 -20.08 0.77
C PRO A 141 -7.42 -18.65 0.32
N HIS A 142 -8.35 -17.96 0.98
CA HIS A 142 -8.70 -16.59 0.63
C HIS A 142 -7.56 -15.63 1.01
N ALA A 143 -7.02 -15.77 2.24
CA ALA A 143 -5.89 -14.96 2.71
C ALA A 143 -4.63 -15.16 1.87
N ARG A 144 -4.40 -16.42 1.41
CA ARG A 144 -3.27 -16.81 0.56
C ARG A 144 -3.31 -16.18 -0.82
N PHE A 145 -4.52 -16.05 -1.36
CA PHE A 145 -4.76 -15.40 -2.63
C PHE A 145 -4.27 -13.96 -2.54
N TYR A 146 -4.68 -13.23 -1.49
CA TYR A 146 -4.23 -11.87 -1.25
C TYR A 146 -2.75 -11.77 -0.93
N ALA A 147 -2.25 -12.68 -0.08
CA ALA A 147 -0.86 -12.70 0.34
C ALA A 147 0.10 -12.94 -0.81
N ALA A 148 -0.30 -13.81 -1.76
CA ALA A 148 0.49 -14.11 -2.94
C ALA A 148 0.74 -12.85 -3.77
N GLN A 149 -0.30 -12.02 -3.86
CA GLN A 149 -0.26 -10.76 -4.58
C GLN A 149 0.66 -9.74 -3.92
N ILE A 150 0.65 -9.67 -2.59
CA ILE A 150 1.53 -8.78 -1.85
C ILE A 150 2.98 -9.21 -2.00
N VAL A 151 3.23 -10.54 -1.93
CA VAL A 151 4.55 -11.13 -2.11
C VAL A 151 5.11 -10.68 -3.46
N LEU A 152 4.37 -10.86 -4.56
CA LEU A 152 4.83 -10.42 -5.87
C LEU A 152 4.98 -8.91 -5.98
N THR A 153 4.08 -8.13 -5.37
CA THR A 153 4.11 -6.67 -5.41
C THR A 153 5.37 -6.16 -4.73
N PHE A 154 5.72 -6.72 -3.55
CA PHE A 154 6.94 -6.37 -2.84
C PHE A 154 8.19 -6.88 -3.55
N GLU A 155 8.16 -8.06 -4.19
CA GLU A 155 9.29 -8.53 -4.98
C GLU A 155 9.60 -7.48 -6.06
N TYR A 156 8.57 -6.95 -6.73
CA TYR A 156 8.71 -5.89 -7.71
C TYR A 156 9.22 -4.60 -7.08
N LEU A 157 8.59 -4.12 -6.00
CA LEU A 157 8.97 -2.85 -5.39
C LEU A 157 10.36 -2.87 -4.78
N HIS A 158 10.73 -3.98 -4.13
CA HIS A 158 12.06 -4.11 -3.54
C HIS A 158 13.16 -4.19 -4.59
N SER A 159 12.83 -4.69 -5.79
CA SER A 159 13.75 -4.69 -6.92
C SER A 159 14.15 -3.29 -7.38
N LEU A 160 13.22 -2.36 -7.17
CA LEU A 160 13.34 -0.97 -7.58
C LEU A 160 13.93 -0.08 -6.50
N ASP A 161 14.44 -0.71 -5.44
CA ASP A 161 15.02 -0.11 -4.24
C ASP A 161 13.98 0.70 -3.46
N LEU A 162 12.72 0.26 -3.57
CA LEU A 162 11.62 0.91 -2.89
C LEU A 162 11.19 0.13 -1.67
N ILE A 163 10.89 0.85 -0.59
CA ILE A 163 10.30 0.25 0.60
C ILE A 163 8.89 0.85 0.70
N TYR A 164 7.84 0.00 0.73
CA TYR A 164 6.47 0.48 0.90
C TYR A 164 6.22 0.45 2.39
N ARG A 165 6.28 1.55 3.14
CA ARG A 165 6.22 1.37 4.58
C ARG A 165 4.88 1.42 5.30
N ASP A 166 3.77 0.96 4.68
CA ASP A 166 2.48 0.99 5.37
C ASP A 166 1.46 -0.08 5.01
N LEU A 167 1.86 -1.37 5.06
CA LEU A 167 0.95 -2.45 4.72
C LEU A 167 -0.05 -2.69 5.84
N LYS A 168 -1.32 -2.58 5.44
CA LYS A 168 -2.45 -2.79 6.33
C LYS A 168 -3.74 -2.90 5.51
N PRO A 169 -4.81 -3.57 5.97
CA PRO A 169 -6.06 -3.76 5.23
C PRO A 169 -6.71 -2.49 4.67
N GLU A 170 -6.63 -1.34 5.37
CA GLU A 170 -7.17 -0.06 4.91
C GLU A 170 -6.46 0.46 3.67
N ASN A 171 -5.20 0.07 3.50
CA ASN A 171 -4.36 0.53 2.39
C ASN A 171 -4.42 -0.32 1.14
N LEU A 172 -5.26 -1.36 1.16
CA LEU A 172 -5.45 -2.21 0.00
C LEU A 172 -6.90 -2.11 -0.44
N LEU A 173 -7.07 -2.00 -1.76
CA LEU A 173 -8.38 -1.90 -2.38
C LEU A 173 -8.66 -3.20 -3.13
N ILE A 174 -9.92 -3.61 -3.19
CA ILE A 174 -10.28 -4.82 -3.89
C ILE A 174 -10.93 -4.36 -5.20
N ASP A 175 -10.45 -4.79 -6.37
CA ASP A 175 -11.10 -4.36 -7.60
C ASP A 175 -12.26 -5.25 -8.07
N GLN A 176 -12.75 -4.95 -9.28
CA GLN A 176 -13.85 -5.65 -9.93
C GLN A 176 -13.61 -7.14 -10.20
N GLN A 177 -12.35 -7.56 -10.33
CA GLN A 177 -12.00 -8.96 -10.54
C GLN A 177 -11.64 -9.66 -9.21
N GLY A 178 -11.75 -8.93 -8.08
CA GLY A 178 -11.44 -9.42 -6.75
C GLY A 178 -9.96 -9.36 -6.39
N TYR A 179 -9.11 -8.79 -7.26
CA TYR A 179 -7.69 -8.67 -7.01
C TYR A 179 -7.31 -7.39 -6.26
N ILE A 180 -6.14 -7.39 -5.63
CA ILE A 180 -5.65 -6.26 -4.85
C ILE A 180 -5.10 -5.14 -5.72
N GLN A 181 -5.34 -3.91 -5.25
CA GLN A 181 -4.76 -2.70 -5.79
C GLN A 181 -4.21 -1.97 -4.56
N VAL A 182 -2.89 -2.01 -4.43
CA VAL A 182 -2.20 -1.36 -3.32
C VAL A 182 -2.21 0.14 -3.59
N THR A 183 -2.60 0.88 -2.56
CA THR A 183 -2.62 2.34 -2.61
C THR A 183 -1.82 2.88 -1.43
N ASP A 184 -1.93 4.16 -1.04
CA ASP A 184 -1.20 4.77 0.08
C ASP A 184 0.31 4.61 0.04
N PHE A 185 0.90 5.22 -0.98
CA PHE A 185 2.33 5.26 -1.16
C PHE A 185 2.96 6.43 -0.42
N GLY A 186 2.17 7.02 0.47
CA GLY A 186 2.58 8.15 1.29
C GLY A 186 3.87 7.92 2.06
N PHE A 187 4.07 6.72 2.61
CA PHE A 187 5.31 6.42 3.33
C PHE A 187 6.36 5.70 2.50
N ALA A 188 6.06 5.43 1.22
CA ALA A 188 6.99 4.76 0.33
C ALA A 188 8.22 5.59 0.00
N LYS A 189 9.37 4.93 -0.06
CA LYS A 189 10.63 5.64 -0.29
C LYS A 189 11.59 4.82 -1.13
N ARG A 190 12.33 5.49 -2.03
CA ARG A 190 13.40 4.81 -2.72
C ARG A 190 14.67 4.99 -1.90
N VAL A 191 15.24 3.84 -1.51
CA VAL A 191 16.50 3.80 -0.79
C VAL A 191 17.28 2.53 -1.05
N LYS A 192 18.57 2.78 -1.20
CA LYS A 192 19.58 1.75 -1.36
C LYS A 192 20.21 1.61 0.02
N GLY A 193 19.76 0.59 0.75
CA GLY A 193 20.22 0.31 2.10
C GLY A 193 19.16 0.57 3.16
N ARG A 194 19.56 1.32 4.19
CA ARG A 194 18.70 1.64 5.33
C ARG A 194 18.12 3.04 5.30
N THR A 195 17.06 3.20 6.11
CA THR A 195 16.40 4.46 6.39
C THR A 195 16.07 4.50 7.87
N TRP A 196 15.78 5.71 8.38
CA TRP A 196 15.57 5.95 9.80
C TRP A 196 14.27 6.61 10.26
N TPO A 197 13.35 6.96 9.36
CA TPO A 197 12.13 7.66 9.76
CB TPO A 197 11.41 8.23 8.49
CG2 TPO A 197 10.32 9.19 8.93
OG1 TPO A 197 12.31 8.97 7.64
P TPO A 197 12.66 8.51 6.13
O1P TPO A 197 13.05 7.10 6.29
O2P TPO A 197 11.39 8.73 5.38
O3P TPO A 197 13.75 9.42 5.74
C TPO A 197 11.15 6.79 10.54
O TPO A 197 10.86 5.65 10.18
N LEU A 198 10.66 7.33 11.66
CA LEU A 198 9.62 6.67 12.43
C LEU A 198 8.28 6.92 11.74
N CYS A 199 7.90 6.00 10.87
CA CYS A 199 6.62 6.06 10.17
C CYS A 199 6.01 4.69 9.95
N GLY A 200 4.72 4.67 9.63
CA GLY A 200 3.94 3.45 9.46
C GLY A 200 2.75 3.48 10.41
N THR A 201 2.20 2.31 10.76
CA THR A 201 1.07 2.24 11.67
C THR A 201 1.43 1.31 12.85
N PRO A 202 1.16 1.69 14.12
CA PRO A 202 1.57 0.99 15.34
C PRO A 202 1.60 -0.54 15.42
N GLU A 203 0.50 -1.21 15.05
CA GLU A 203 0.45 -2.65 15.13
C GLU A 203 1.14 -3.39 13.99
N TYR A 204 1.70 -2.68 13.01
CA TYR A 204 2.39 -3.30 11.88
C TYR A 204 3.90 -3.04 11.92
N LEU A 205 4.33 -2.20 12.87
CA LEU A 205 5.71 -1.80 12.99
C LEU A 205 6.59 -2.92 13.50
N ALA A 206 7.65 -3.11 12.73
CA ALA A 206 8.71 -4.06 13.04
C ALA A 206 9.55 -3.58 14.22
N PRO A 207 10.25 -4.45 14.97
CA PRO A 207 11.07 -4.08 16.12
C PRO A 207 12.15 -3.02 15.87
N GLU A 208 12.68 -3.01 14.64
CA GLU A 208 13.74 -2.11 14.20
C GLU A 208 13.31 -0.66 14.30
N ILE A 209 12.11 -0.43 13.76
CA ILE A 209 11.52 0.89 13.72
C ILE A 209 11.22 1.35 15.14
N ILE A 210 10.58 0.50 15.96
CA ILE A 210 10.28 0.85 17.33
C ILE A 210 11.56 1.19 18.10
N LEU A 211 12.61 0.39 17.93
CA LEU A 211 13.86 0.61 18.64
C LEU A 211 14.81 1.63 18.00
N SER A 212 14.27 2.45 17.08
CA SER A 212 14.96 3.53 16.37
C SER A 212 16.23 3.17 15.62
N LYS A 213 16.19 2.01 14.95
CA LYS A 213 17.32 1.54 14.17
C LYS A 213 17.16 1.87 12.71
N GLY A 214 18.30 1.76 12.00
CA GLY A 214 18.35 1.90 10.56
C GLY A 214 17.85 0.61 9.94
N TYR A 215 16.64 0.70 9.38
CA TYR A 215 15.98 -0.47 8.84
C TYR A 215 15.92 -0.49 7.32
N ASN A 216 15.63 -1.66 6.78
CA ASN A 216 15.54 -1.83 5.33
C ASN A 216 14.22 -2.51 4.94
N LYS A 217 14.16 -3.07 3.74
CA LYS A 217 13.01 -3.76 3.19
C LYS A 217 12.41 -4.89 4.02
N ALA A 218 13.17 -5.48 4.96
CA ALA A 218 12.73 -6.51 5.89
C ALA A 218 11.51 -6.15 6.73
N VAL A 219 11.37 -4.82 6.93
CA VAL A 219 10.25 -4.17 7.59
C VAL A 219 8.92 -4.46 6.91
N ASP A 220 8.92 -4.54 5.57
CA ASP A 220 7.74 -4.90 4.79
C ASP A 220 7.35 -6.37 4.90
N TRP A 221 8.35 -7.23 5.09
CA TRP A 221 8.10 -8.65 5.26
C TRP A 221 7.59 -8.98 6.65
N TRP A 222 7.98 -8.17 7.66
CA TRP A 222 7.37 -8.28 8.98
C TRP A 222 5.90 -7.88 8.83
N ALA A 223 5.63 -6.74 8.18
CA ALA A 223 4.28 -6.23 7.96
C ALA A 223 3.37 -7.23 7.25
N LEU A 224 3.94 -7.99 6.32
CA LEU A 224 3.21 -9.07 5.67
C LEU A 224 2.81 -10.14 6.66
N GLY A 225 3.69 -10.51 7.62
CA GLY A 225 3.35 -11.48 8.65
C GLY A 225 2.12 -11.02 9.43
N VAL A 226 2.11 -9.73 9.80
CA VAL A 226 1.03 -9.11 10.55
C VAL A 226 -0.26 -9.08 9.72
N LEU A 227 -0.13 -8.76 8.42
CA LEU A 227 -1.26 -8.70 7.50
C LEU A 227 -1.88 -10.08 7.36
N ILE A 228 -1.04 -11.12 7.13
CA ILE A 228 -1.51 -12.48 7.00
C ILE A 228 -2.13 -12.96 8.30
N TYR A 229 -1.54 -12.64 9.47
CA TYR A 229 -2.15 -13.04 10.73
C TYR A 229 -3.53 -12.39 10.85
N GLU A 230 -3.64 -11.10 10.52
CA GLU A 230 -4.90 -10.40 10.62
C GLU A 230 -5.96 -10.91 9.66
N MET A 231 -5.59 -11.26 8.41
CA MET A 231 -6.53 -11.79 7.46
C MET A 231 -7.05 -13.13 7.91
N ALA A 232 -6.17 -14.02 8.37
CA ALA A 232 -6.57 -15.34 8.83
C ALA A 232 -7.20 -15.40 10.23
N ALA A 233 -6.92 -14.45 11.11
CA ALA A 233 -7.49 -14.44 12.46
C ALA A 233 -8.64 -13.46 12.69
N GLY A 234 -8.68 -12.37 11.91
CA GLY A 234 -9.70 -11.35 12.10
C GLY A 234 -9.15 -10.18 12.91
N TYR A 235 -8.06 -10.39 13.64
CA TYR A 235 -7.42 -9.36 14.44
C TYR A 235 -5.90 -9.42 14.26
N PRO A 236 -5.15 -8.32 14.50
CA PRO A 236 -3.68 -8.29 14.41
C PRO A 236 -2.99 -9.05 15.54
N PRO A 237 -1.77 -9.60 15.38
CA PRO A 237 -1.06 -10.34 16.42
C PRO A 237 -0.69 -9.57 17.67
N PHE A 238 -0.48 -8.27 17.52
CA PHE A 238 -0.09 -7.43 18.65
C PHE A 238 -1.11 -6.30 18.78
N PHE A 239 -1.89 -6.36 19.85
CA PHE A 239 -2.92 -5.37 20.15
C PHE A 239 -2.90 -4.93 21.61
N ALA A 240 -3.25 -3.65 21.80
CA ALA A 240 -3.37 -3.04 23.12
C ALA A 240 -3.98 -1.66 22.98
N ASP A 241 -4.43 -1.10 24.11
CA ASP A 241 -5.07 0.21 24.11
C ASP A 241 -4.14 1.36 23.78
N GLN A 242 -2.96 1.35 24.41
CA GLN A 242 -1.95 2.35 24.17
C GLN A 242 -0.83 1.81 23.28
N PRO A 243 -0.32 2.60 22.33
CA PRO A 243 0.80 2.25 21.45
C PRO A 243 2.02 1.72 22.17
N ILE A 244 2.33 2.26 23.36
CA ILE A 244 3.43 1.80 24.19
C ILE A 244 3.33 0.32 24.54
N GLN A 245 2.11 -0.18 24.76
CA GLN A 245 1.89 -1.56 25.12
C GLN A 245 1.88 -2.50 23.93
N ILE A 246 1.58 -1.96 22.74
CA ILE A 246 1.62 -2.72 21.49
C ILE A 246 3.09 -2.97 21.18
N TYR A 247 3.91 -1.94 21.35
CA TYR A 247 5.34 -1.98 21.03
C TYR A 247 6.13 -2.96 21.89
N GLU A 248 5.84 -3.04 23.21
CA GLU A 248 6.46 -4.00 24.11
C GLU A 248 6.21 -5.42 23.62
N LYS A 249 4.97 -5.68 23.18
CA LYS A 249 4.55 -6.98 22.66
C LYS A 249 5.23 -7.36 21.36
N ILE A 250 5.51 -6.37 20.51
CA ILE A 250 6.22 -6.56 19.25
C ILE A 250 7.70 -6.87 19.52
N VAL A 251 8.38 -6.08 20.36
CA VAL A 251 9.79 -6.23 20.69
C VAL A 251 10.11 -7.52 21.46
N SER A 252 9.14 -8.05 22.21
CA SER A 252 9.31 -9.34 22.89
C SER A 252 9.42 -10.37 21.75
N GLY A 253 9.95 -11.60 21.82
CA GLY A 253 9.94 -12.49 20.65
C GLY A 253 8.80 -13.51 20.71
N LYS A 254 7.68 -13.01 21.23
CA LYS A 254 6.49 -13.78 21.54
C LYS A 254 5.24 -13.36 20.78
N VAL A 255 4.57 -14.38 20.25
CA VAL A 255 3.32 -14.24 19.50
C VAL A 255 2.49 -15.51 19.69
N ARG A 256 1.19 -15.38 20.02
CA ARG A 256 0.30 -16.52 20.16
C ARG A 256 -0.58 -16.71 18.92
N PHE A 257 -0.81 -17.97 18.52
CA PHE A 257 -1.59 -18.31 17.32
C PHE A 257 -2.93 -18.95 17.67
N PRO A 258 -4.05 -18.62 17.01
CA PRO A 258 -5.33 -19.31 17.15
C PRO A 258 -5.19 -20.78 16.80
N SER A 259 -5.97 -21.63 17.46
CA SER A 259 -5.95 -23.06 17.20
C SER A 259 -6.33 -23.43 15.79
N HIS A 260 -7.15 -22.61 15.14
CA HIS A 260 -7.60 -22.96 13.82
C HIS A 260 -6.55 -22.80 12.74
N PHE A 261 -5.47 -22.05 13.04
CA PHE A 261 -4.36 -21.89 12.12
C PHE A 261 -3.65 -23.20 11.80
N SER A 262 -3.37 -23.45 10.52
CA SER A 262 -2.67 -24.65 10.10
C SER A 262 -1.23 -24.60 10.59
N SER A 263 -0.57 -25.76 10.66
CA SER A 263 0.82 -25.84 11.07
C SER A 263 1.75 -25.10 10.10
N ASP A 264 1.38 -25.14 8.81
CA ASP A 264 2.09 -24.44 7.78
C ASP A 264 1.99 -22.93 7.93
N LEU A 265 0.81 -22.46 8.30
CA LEU A 265 0.63 -21.04 8.51
C LEU A 265 1.42 -20.58 9.72
N LYS A 266 1.33 -21.29 10.85
CA LYS A 266 2.08 -20.96 12.07
C LYS A 266 3.59 -20.93 11.84
N ASP A 267 4.09 -21.80 10.95
CA ASP A 267 5.52 -21.85 10.66
C ASP A 267 5.97 -20.68 9.78
N LEU A 268 5.17 -20.33 8.77
CA LEU A 268 5.46 -19.20 7.90
C LEU A 268 5.43 -17.89 8.69
N LEU A 269 4.46 -17.77 9.59
CA LEU A 269 4.30 -16.59 10.42
C LEU A 269 5.42 -16.41 11.44
N ARG A 270 5.93 -17.48 12.07
CA ARG A 270 7.09 -17.42 12.96
C ARG A 270 8.36 -16.89 12.27
N ASN A 271 8.55 -17.22 10.97
CA ASN A 271 9.69 -16.77 10.19
C ASN A 271 9.53 -15.38 9.58
N LEU A 272 8.28 -14.92 9.39
CA LEU A 272 7.94 -13.59 8.94
C LEU A 272 7.92 -12.64 10.14
N LEU A 273 7.42 -13.13 11.28
CA LEU A 273 7.37 -12.35 12.50
C LEU A 273 8.56 -12.67 13.39
N GLN A 274 9.71 -12.84 12.73
CA GLN A 274 10.97 -13.05 13.40
C GLN A 274 11.50 -11.69 13.85
N VAL A 275 11.66 -11.49 15.17
CA VAL A 275 12.10 -10.21 15.71
C VAL A 275 13.51 -9.82 15.31
N ASP A 276 14.37 -10.82 15.08
CA ASP A 276 15.73 -10.57 14.60
C ASP A 276 15.66 -10.48 13.08
N LEU A 277 15.95 -9.27 12.57
CA LEU A 277 15.85 -8.96 11.14
C LEU A 277 16.82 -9.70 10.23
N THR A 278 17.91 -10.24 10.80
CA THR A 278 18.89 -11.01 10.04
C THR A 278 18.43 -12.44 9.78
N LYS A 279 17.40 -12.85 10.51
CA LYS A 279 16.83 -14.18 10.42
C LYS A 279 15.43 -14.24 9.80
N ARG A 280 14.88 -13.07 9.43
CA ARG A 280 13.54 -12.95 8.90
C ARG A 280 13.44 -13.34 7.43
N PHE A 281 12.40 -14.11 7.08
CA PHE A 281 12.12 -14.45 5.69
C PHE A 281 11.88 -13.22 4.83
N GLY A 282 12.38 -13.29 3.60
CA GLY A 282 12.36 -12.18 2.67
C GLY A 282 13.64 -11.35 2.79
N ASN A 283 14.34 -11.44 3.93
CA ASN A 283 15.60 -10.76 4.15
C ASN A 283 16.81 -11.69 4.29
N LEU A 284 16.64 -12.98 3.98
CA LEU A 284 17.76 -13.93 4.00
C LEU A 284 18.47 -14.01 2.66
N LYS A 285 19.46 -14.90 2.56
CA LYS A 285 20.23 -15.10 1.33
C LYS A 285 19.36 -15.45 0.12
N ASN A 286 18.40 -16.36 0.34
CA ASN A 286 17.51 -16.84 -0.70
C ASN A 286 16.40 -15.85 -1.10
N GLY A 287 16.27 -14.73 -0.36
CA GLY A 287 15.32 -13.67 -0.65
C GLY A 287 13.86 -14.07 -0.53
N VAL A 288 13.09 -13.55 -1.50
CA VAL A 288 11.65 -13.75 -1.62
C VAL A 288 11.23 -15.22 -1.80
N ASN A 289 12.19 -16.02 -2.26
CA ASN A 289 11.96 -17.42 -2.53
C ASN A 289 11.79 -18.25 -1.27
N ASP A 290 12.32 -17.82 -0.12
CA ASP A 290 12.06 -18.53 1.13
C ASP A 290 10.56 -18.50 1.47
N ILE A 291 9.87 -17.47 0.96
CA ILE A 291 8.44 -17.32 1.14
C ILE A 291 7.71 -18.03 0.00
N LYS A 292 8.08 -17.81 -1.27
CA LYS A 292 7.43 -18.48 -2.41
C LYS A 292 7.49 -20.00 -2.40
N ASN A 293 8.54 -20.55 -1.78
CA ASN A 293 8.73 -21.99 -1.69
C ASN A 293 8.26 -22.60 -0.38
N HIS A 294 7.79 -21.75 0.56
CA HIS A 294 7.24 -22.23 1.81
C HIS A 294 5.97 -23.04 1.54
N LYS A 295 5.81 -24.11 2.33
CA LYS A 295 4.69 -25.04 2.24
C LYS A 295 3.29 -24.45 2.35
N TRP A 296 3.14 -23.26 2.92
CA TRP A 296 1.84 -22.60 2.98
C TRP A 296 1.44 -22.13 1.59
N PHE A 297 2.41 -21.81 0.72
CA PHE A 297 2.15 -21.41 -0.65
C PHE A 297 2.31 -22.55 -1.65
N ALA A 298 2.37 -23.82 -1.23
CA ALA A 298 2.54 -24.97 -2.12
C ALA A 298 1.54 -25.06 -3.28
N THR A 299 0.25 -24.75 -3.01
CA THR A 299 -0.80 -24.75 -4.03
C THR A 299 -0.81 -23.50 -4.92
N THR A 300 -0.04 -22.46 -4.57
CA THR A 300 0.00 -21.22 -5.34
C THR A 300 0.81 -21.30 -6.64
N ASP A 301 0.11 -20.91 -7.69
CA ASP A 301 0.65 -20.84 -9.04
C ASP A 301 0.93 -19.36 -9.23
N TRP A 302 2.20 -19.01 -8.99
CA TRP A 302 2.66 -17.64 -9.03
C TRP A 302 2.51 -16.87 -10.32
N ILE A 303 2.69 -17.52 -11.48
CA ILE A 303 2.55 -16.85 -12.78
C ILE A 303 1.09 -16.62 -13.12
N ALA A 304 0.19 -17.51 -12.67
CA ALA A 304 -1.25 -17.37 -12.88
C ALA A 304 -1.87 -16.29 -11.99
N ILE A 305 -1.34 -16.09 -10.78
CA ILE A 305 -1.71 -15.00 -9.88
C ILE A 305 -1.29 -13.68 -10.55
N TYR A 306 -0.05 -13.62 -11.05
CA TYR A 306 0.45 -12.44 -11.75
C TYR A 306 -0.41 -12.11 -12.98
N GLN A 307 -0.71 -13.10 -13.82
CA GLN A 307 -1.51 -12.94 -15.03
C GLN A 307 -3.02 -12.82 -14.80
N ARG A 308 -3.39 -12.84 -13.51
CA ARG A 308 -4.73 -12.72 -12.96
C ARG A 308 -5.72 -13.74 -13.53
N LYS A 309 -5.21 -14.97 -13.68
CA LYS A 309 -5.98 -16.09 -14.20
C LYS A 309 -6.67 -16.91 -13.13
N VAL A 310 -6.26 -16.72 -11.87
CA VAL A 310 -6.86 -17.40 -10.73
C VAL A 310 -8.22 -16.79 -10.37
N GLU A 311 -9.17 -17.68 -10.05
CA GLU A 311 -10.50 -17.27 -9.62
C GLU A 311 -10.42 -16.72 -8.20
N ALA A 312 -10.95 -15.49 -8.07
CA ALA A 312 -10.99 -14.79 -6.80
C ALA A 312 -12.05 -15.32 -5.85
N PRO A 313 -11.78 -15.42 -4.54
CA PRO A 313 -12.71 -15.99 -3.57
C PRO A 313 -13.81 -15.03 -3.13
N PHE A 314 -13.78 -13.83 -3.72
CA PHE A 314 -14.72 -12.76 -3.42
C PHE A 314 -14.73 -11.72 -4.54
N ILE A 315 -15.91 -11.35 -5.02
CA ILE A 315 -16.05 -10.26 -5.99
C ILE A 315 -16.90 -9.22 -5.27
N PRO A 316 -16.47 -7.94 -5.13
CA PRO A 316 -17.28 -6.86 -4.61
C PRO A 316 -18.54 -6.62 -5.40
N LYS A 317 -19.60 -6.47 -4.61
CA LYS A 317 -20.91 -6.18 -5.16
C LYS A 317 -21.06 -4.69 -5.34
N PHE A 318 -21.24 -4.26 -6.60
CA PHE A 318 -21.49 -2.87 -6.94
C PHE A 318 -22.11 -2.80 -8.34
N LYS A 319 -22.58 -1.62 -8.75
CA LYS A 319 -23.25 -1.42 -10.02
C LYS A 319 -22.32 -1.01 -11.15
N GLY A 320 -22.45 0.21 -11.67
CA GLY A 320 -21.50 0.67 -12.67
C GLY A 320 -20.14 0.98 -12.03
N PRO A 321 -19.08 1.19 -12.83
CA PRO A 321 -17.75 1.57 -12.37
C PRO A 321 -17.61 2.70 -11.35
N GLY A 322 -18.56 3.65 -11.35
CA GLY A 322 -18.57 4.80 -10.46
C GLY A 322 -19.37 4.66 -9.18
N ASP A 323 -19.86 3.45 -8.84
CA ASP A 323 -20.61 3.20 -7.61
C ASP A 323 -19.71 3.35 -6.38
N THR A 324 -20.22 4.00 -5.32
CA THR A 324 -19.47 4.27 -4.09
C THR A 324 -19.95 3.54 -2.85
N SER A 325 -20.82 2.54 -3.06
CA SER A 325 -21.43 1.71 -2.02
C SER A 325 -20.43 1.04 -1.08
N ASN A 326 -19.32 0.53 -1.62
CA ASN A 326 -18.30 -0.12 -0.81
C ASN A 326 -17.40 0.79 0.00
N PHE A 327 -17.46 2.10 -0.24
CA PHE A 327 -16.77 3.10 0.54
C PHE A 327 -17.75 3.75 1.50
N ASP A 328 -17.30 4.12 2.70
CA ASP A 328 -18.15 4.74 3.70
C ASP A 328 -18.27 6.26 3.58
N ASP A 329 -19.20 6.83 4.36
CA ASP A 329 -19.49 8.25 4.27
C ASP A 329 -18.68 9.13 5.19
N TYR A 330 -18.21 10.26 4.62
CA TYR A 330 -17.44 11.27 5.32
C TYR A 330 -18.03 12.65 5.09
N GLU A 331 -17.82 13.55 6.05
CA GLU A 331 -18.25 14.94 5.92
C GLU A 331 -17.64 15.59 4.69
N GLU A 332 -18.53 16.16 3.89
CA GLU A 332 -18.17 16.85 2.66
C GLU A 332 -17.81 18.31 2.87
N GLU A 333 -16.50 18.57 2.78
CA GLU A 333 -15.96 19.89 2.99
C GLU A 333 -15.50 20.55 1.70
N GLU A 334 -15.38 21.87 1.77
CA GLU A 334 -14.93 22.69 0.65
C GLU A 334 -13.51 22.45 0.20
N ILE A 335 -13.29 22.50 -1.11
CA ILE A 335 -11.94 22.39 -1.69
C ILE A 335 -11.43 23.83 -1.83
N ARG A 336 -10.80 24.30 -0.76
CA ARG A 336 -10.29 25.66 -0.66
C ARG A 336 -8.97 25.90 -1.39
N VAL A 337 -9.08 26.71 -2.44
CA VAL A 337 -7.93 27.12 -3.24
C VAL A 337 -7.78 28.63 -3.09
N SEP A 338 -6.69 28.99 -2.42
CA SEP A 338 -6.33 30.35 -2.13
CB SEP A 338 -5.13 30.33 -1.20
OG SEP A 338 -4.61 31.63 -0.87
C SEP A 338 -6.01 31.16 -3.38
O SEP A 338 -5.53 30.62 -4.39
P SEP A 338 -5.34 32.62 0.17
O1P SEP A 338 -6.55 33.04 -0.56
O2P SEP A 338 -5.59 31.76 1.35
O3P SEP A 338 -4.34 33.70 0.37
N ILE A 339 -6.28 32.47 -3.32
CA ILE A 339 -6.01 33.36 -4.45
C ILE A 339 -4.51 33.63 -4.63
N ASN A 340 -3.71 33.32 -3.59
CA ASN A 340 -2.27 33.45 -3.60
C ASN A 340 -1.63 32.08 -3.46
N GLU A 341 -0.48 31.92 -4.12
CA GLU A 341 0.32 30.70 -4.08
C GLU A 341 1.04 30.56 -2.76
N LYS A 342 0.84 29.38 -2.20
CA LYS A 342 1.45 29.07 -0.92
C LYS A 342 2.46 27.99 -1.12
N CYS A 343 3.64 28.23 -0.56
CA CYS A 343 4.73 27.27 -0.51
C CYS A 343 5.17 26.63 -1.82
N GLY A 344 5.18 27.50 -2.83
CA GLY A 344 5.53 27.24 -4.18
C GLY A 344 6.96 26.71 -4.29
N LYS A 345 7.87 27.30 -3.51
CA LYS A 345 9.25 26.85 -3.47
C LYS A 345 9.45 25.42 -2.97
N GLU A 346 8.79 25.04 -1.87
CA GLU A 346 8.93 23.71 -1.29
C GLU A 346 8.40 22.61 -2.20
N PHE A 347 7.36 22.89 -3.01
CA PHE A 347 6.78 21.90 -3.91
C PHE A 347 7.10 22.11 -5.39
N THR A 348 8.24 22.74 -5.69
CA THR A 348 8.69 22.97 -7.06
C THR A 348 8.83 21.72 -7.93
N GLU A 349 9.17 20.59 -7.29
CA GLU A 349 9.36 19.33 -7.97
C GLU A 349 8.11 18.52 -8.29
N PHE A 350 7.01 18.79 -7.59
CA PHE A 350 5.75 18.07 -7.79
C PHE A 350 5.14 18.40 -9.16
O1 BD2 B . -9.59 4.49 -6.28
C1 BD2 B . -9.01 4.78 -5.11
C2 BD2 B . -7.66 5.16 -5.08
C3 BD2 B . -7.05 5.47 -3.86
C4 BD2 B . -7.79 5.40 -2.67
C5 BD2 B . -9.14 5.03 -2.70
C6 BD2 B . -9.74 4.72 -3.93
C7 BD2 B . -7.19 5.71 -1.46
O7 BD2 B . -5.94 5.70 -1.37
N8 BD2 B . -7.93 6.00 -0.39
C8 BD2 B . -7.48 5.67 0.96
C9 BD2 B . -7.01 6.77 1.91
C10 BD2 B . -7.56 6.83 3.33
C11 BD2 B . -6.82 5.82 4.21
C12 BD2 B . -7.19 4.39 3.80
N13 BD2 B . -6.55 4.05 2.53
C14 BD2 B . -7.47 4.22 1.43
O9 BD2 B . -6.03 7.73 1.47
C15 BD2 B . -6.29 9.04 1.96
O15 BD2 B . -7.45 9.49 2.00
C16 BD2 B . -5.23 9.83 2.40
C17 BD2 B . -5.32 11.22 2.36
C18 BD2 B . -4.26 12.01 2.81
C19 BD2 B . -3.09 11.42 3.30
C20 BD2 B . -2.98 10.03 3.34
C21 BD2 B . -4.05 9.23 2.90
C22 BD2 B . -2.04 12.24 3.73
O22 BD2 B . -2.32 13.38 4.16
C23 BD2 B . -0.71 11.84 3.72
C24 BD2 B . -0.02 11.78 4.94
C25 BD2 B . 1.34 11.40 4.97
C26 BD2 B . 1.98 11.07 3.77
C27 BD2 B . 1.30 11.12 2.56
C28 BD2 B . -0.05 11.51 2.52
O28 BD2 B . -0.70 11.55 1.35
C1 OCT C . 16.39 -5.25 -10.51
C2 OCT C . 16.78 -6.27 -11.61
C3 OCT C . 18.07 -5.95 -12.37
C4 OCT C . 18.00 -4.62 -13.10
C5 OCT C . 18.85 -4.71 -14.36
C6 OCT C . 18.86 -3.42 -15.17
C7 OCT C . 17.45 -2.92 -15.51
#